data_1L4L
#
_entry.id   1L4L
#
_cell.length_a   71.770
_cell.length_b   90.000
_cell.length_c   47.580
_cell.angle_alpha   90.00
_cell.angle_beta   90.00
_cell.angle_gamma   90.00
#
_symmetry.space_group_name_H-M   'P 21 21 2'
#
loop_
_entity.id
_entity.type
_entity.pdbx_description
1 polymer 'Nicotinate-nucleotide--dimethylbenzimidazole phosphoribosyltransferase'
2 non-polymer 2,5-DIMETHYLANILINE
3 non-polymer 'NICOTINATE MONONUCLEOTIDE'
4 water water
#
_entity_poly.entity_id   1
_entity_poly.type   'polypeptide(L)'
_entity_poly.pdbx_seq_one_letter_code
;MQTLHALLRDIPAPDAEAMARTQQHIDGLLKPPGSLGRLETLAVQLAGMPGLNGTPQVGEKAVLVMCADHGVWDEGVAVS
PKIVTAIQAANMTRGTTGVCVLAAQAGAKVHVIDVGIDAEPIPGVVNMRVARGCGNIAVGPAMSRLQAEALLLEVSRYTC
DLAQRGVTLFGVGELGMANTTPAAAMVSVFTGSDAKEVVGIGANLPPSRIDNKVDVVRRAIAINQPNPRDGIDVLSKVGG
FDLVGMTGVMLGAARCGLPVLLDGFLSYSAALAACQIAPAVRPYLIPSHFSAEKGARIALAHLSMEPYLHMAMRLGEGSG
AALAMPIVEAACAMFHNMGELAASNIVLPEGNANAT
;
_entity_poly.pdbx_strand_id   A
#
# COMPACT_ATOMS: atom_id res chain seq x y z
N THR A 3 -5.18 18.03 14.53
CA THR A 3 -3.97 17.80 13.70
C THR A 3 -4.26 16.77 12.61
N LEU A 4 -4.70 15.58 13.03
CA LEU A 4 -5.03 14.53 12.07
C LEU A 4 -6.30 14.93 11.33
N HIS A 5 -7.14 15.71 12.00
CA HIS A 5 -8.38 16.18 11.40
C HIS A 5 -8.02 17.21 10.34
N ALA A 6 -6.99 17.99 10.60
CA ALA A 6 -6.51 19.00 9.67
C ALA A 6 -5.99 18.27 8.45
N LEU A 7 -5.16 17.27 8.69
CA LEU A 7 -4.58 16.45 7.64
C LEU A 7 -5.65 15.93 6.69
N LEU A 8 -6.62 15.23 7.24
CA LEU A 8 -7.70 14.64 6.46
C LEU A 8 -8.53 15.69 5.75
N ARG A 9 -8.70 16.85 6.40
CA ARG A 9 -9.48 17.94 5.83
C ARG A 9 -8.81 18.56 4.61
N ASP A 10 -7.49 18.63 4.64
CA ASP A 10 -6.73 19.25 3.56
C ASP A 10 -6.31 18.38 2.36
N ILE A 11 -6.84 17.15 2.27
CA ILE A 11 -6.49 16.29 1.13
C ILE A 11 -7.17 16.91 -0.09
N PRO A 12 -6.38 17.26 -1.13
CA PRO A 12 -6.94 17.86 -2.34
C PRO A 12 -7.77 16.95 -3.24
N ALA A 13 -8.75 17.53 -3.92
CA ALA A 13 -9.57 16.75 -4.85
C ALA A 13 -8.74 16.71 -6.13
N PRO A 14 -9.02 15.75 -7.03
CA PRO A 14 -8.26 15.68 -8.29
C PRO A 14 -8.58 16.91 -9.14
N ASP A 15 -7.63 17.31 -9.96
CA ASP A 15 -7.76 18.49 -10.84
C ASP A 15 -8.44 18.09 -12.15
N ALA A 16 -9.75 18.30 -12.25
CA ALA A 16 -10.49 17.93 -13.46
C ALA A 16 -10.04 18.66 -14.70
N GLU A 17 -9.57 19.90 -14.54
CA GLU A 17 -9.13 20.70 -15.68
C GLU A 17 -7.88 20.08 -16.31
N ALA A 18 -6.92 19.67 -15.49
CA ALA A 18 -5.70 19.05 -16.02
C ALA A 18 -6.04 17.71 -16.66
N MET A 19 -6.98 16.99 -16.08
CA MET A 19 -7.35 15.69 -16.63
C MET A 19 -8.01 15.85 -18.01
N ALA A 20 -8.84 16.88 -18.18
CA ALA A 20 -9.48 17.11 -19.48
C ALA A 20 -8.41 17.45 -20.54
N ARG A 21 -7.44 18.26 -20.18
CA ARG A 21 -6.38 18.60 -21.12
C ARG A 21 -5.57 17.34 -21.42
N THR A 22 -5.36 16.50 -20.42
CA THR A 22 -4.60 15.29 -20.63
C THR A 22 -5.31 14.36 -21.63
N GLN A 23 -6.60 14.14 -21.43
CA GLN A 23 -7.35 13.26 -22.32
C GLN A 23 -7.29 13.74 -23.77
N GLN A 24 -7.52 15.03 -23.98
CA GLN A 24 -7.47 15.59 -25.32
C GLN A 24 -6.11 15.36 -25.97
N HIS A 25 -5.04 15.54 -25.21
CA HIS A 25 -3.70 15.35 -25.76
C HIS A 25 -3.44 13.89 -26.16
N ILE A 26 -3.89 12.97 -25.30
CA ILE A 26 -3.73 11.53 -25.54
C ILE A 26 -4.53 11.10 -26.78
N ASP A 27 -5.74 11.63 -26.93
CA ASP A 27 -6.57 11.26 -28.06
C ASP A 27 -5.91 11.67 -29.38
N GLY A 28 -5.08 12.70 -29.34
CA GLY A 28 -4.41 13.18 -30.54
C GLY A 28 -3.07 12.53 -30.86
N LEU A 29 -2.65 11.56 -30.05
CA LEU A 29 -1.37 10.91 -30.29
C LEU A 29 -1.46 9.95 -31.48
N LEU A 30 -0.30 9.61 -32.03
CA LEU A 30 -0.15 8.74 -33.19
C LEU A 30 -0.60 7.30 -32.96
N LYS A 31 -1.91 7.10 -32.84
CA LYS A 31 -2.45 5.77 -32.60
C LYS A 31 -3.97 5.85 -32.65
N PRO A 32 -4.65 4.71 -32.82
CA PRO A 32 -6.11 4.70 -32.84
C PRO A 32 -6.55 5.14 -31.44
N PRO A 33 -7.55 6.03 -31.36
CA PRO A 33 -8.03 6.49 -30.06
C PRO A 33 -8.34 5.32 -29.11
N GLY A 34 -7.84 5.45 -27.88
CA GLY A 34 -8.07 4.44 -26.86
C GLY A 34 -7.31 3.13 -27.02
N SER A 35 -6.48 3.02 -28.06
CA SER A 35 -5.75 1.78 -28.32
C SER A 35 -4.74 1.39 -27.24
N LEU A 36 -4.25 2.34 -26.45
CA LEU A 36 -3.30 1.98 -25.39
C LEU A 36 -3.98 1.70 -24.06
N GLY A 37 -5.30 1.54 -24.12
CA GLY A 37 -6.11 1.22 -22.96
C GLY A 37 -5.79 1.76 -21.59
N ARG A 38 -5.48 0.86 -20.65
CA ARG A 38 -5.20 1.24 -19.27
C ARG A 38 -3.98 2.15 -19.08
N LEU A 39 -3.12 2.19 -20.08
CA LEU A 39 -1.96 3.08 -20.00
C LEU A 39 -2.47 4.52 -20.16
N GLU A 40 -3.54 4.70 -20.95
CA GLU A 40 -4.11 6.04 -21.15
C GLU A 40 -4.84 6.52 -19.91
N THR A 41 -5.66 5.65 -19.31
CA THR A 41 -6.40 5.99 -18.12
C THR A 41 -5.42 6.30 -16.98
N LEU A 42 -4.32 5.55 -16.92
CA LEU A 42 -3.32 5.81 -15.89
C LEU A 42 -2.71 7.21 -16.06
N ALA A 43 -2.36 7.58 -17.28
CA ALA A 43 -1.77 8.91 -17.51
C ALA A 43 -2.74 10.03 -17.14
N VAL A 44 -4.03 9.83 -17.37
CA VAL A 44 -5.01 10.85 -17.03
C VAL A 44 -5.16 10.93 -15.51
N GLN A 45 -5.16 9.79 -14.85
CA GLN A 45 -5.27 9.73 -13.40
C GLN A 45 -4.12 10.55 -12.81
N LEU A 46 -2.91 10.28 -13.27
CA LEU A 46 -1.73 11.01 -12.80
C LEU A 46 -1.84 12.52 -13.03
N ALA A 47 -2.38 12.91 -14.18
CA ALA A 47 -2.51 14.33 -14.50
C ALA A 47 -3.39 15.09 -13.51
N GLY A 48 -4.34 14.39 -12.90
CA GLY A 48 -5.23 15.03 -11.95
C GLY A 48 -4.67 15.19 -10.55
N MET A 49 -3.50 14.62 -10.30
CA MET A 49 -2.89 14.72 -8.97
C MET A 49 -2.11 16.02 -8.83
N PRO A 50 -2.61 16.95 -8.00
CA PRO A 50 -1.99 18.27 -7.77
C PRO A 50 -0.49 18.31 -7.56
N GLY A 51 0.06 17.34 -6.84
CA GLY A 51 1.50 17.32 -6.63
C GLY A 51 2.33 17.08 -7.89
N LEU A 52 1.67 16.68 -8.98
CA LEU A 52 2.39 16.41 -10.23
C LEU A 52 2.38 17.57 -11.23
N ASN A 53 1.90 18.74 -10.82
CA ASN A 53 1.92 19.90 -11.69
C ASN A 53 1.21 19.77 -13.05
N GLY A 54 -0.04 19.29 -13.00
CA GLY A 54 -0.90 19.17 -14.17
C GLY A 54 -0.47 18.29 -15.33
N THR A 55 0.49 17.42 -15.09
CA THR A 55 0.97 16.57 -16.17
C THR A 55 1.47 15.24 -15.65
N PRO A 56 1.30 14.16 -16.44
CA PRO A 56 1.81 12.89 -15.92
C PRO A 56 3.33 12.91 -15.96
N GLN A 57 3.98 12.81 -14.81
CA GLN A 57 5.44 12.82 -14.77
C GLN A 57 5.89 12.05 -13.54
N VAL A 58 7.15 11.60 -13.54
CA VAL A 58 7.72 10.87 -12.42
C VAL A 58 9.11 11.43 -12.16
N GLY A 59 9.36 11.87 -10.94
CA GLY A 59 10.67 12.40 -10.59
C GLY A 59 11.38 11.29 -9.83
N GLU A 60 11.68 11.52 -8.55
CA GLU A 60 12.33 10.47 -7.75
C GLU A 60 11.26 9.50 -7.27
N LYS A 61 11.66 8.26 -6.99
CA LYS A 61 10.74 7.21 -6.53
C LYS A 61 11.23 6.62 -5.21
N ALA A 62 10.29 6.33 -4.31
CA ALA A 62 10.67 5.73 -3.03
C ALA A 62 9.68 4.64 -2.62
N VAL A 63 10.21 3.58 -2.04
CA VAL A 63 9.37 2.51 -1.52
C VAL A 63 9.56 2.57 0.00
N LEU A 64 8.48 2.76 0.75
CA LEU A 64 8.54 2.82 2.20
C LEU A 64 8.11 1.48 2.77
N VAL A 65 9.03 0.82 3.48
CA VAL A 65 8.75 -0.48 4.05
C VAL A 65 8.55 -0.41 5.55
N MET A 66 7.33 -0.69 5.99
CA MET A 66 6.98 -0.64 7.42
C MET A 66 7.21 -1.99 8.08
N CYS A 67 8.07 -2.02 9.10
CA CYS A 67 8.42 -3.26 9.79
C CYS A 67 7.93 -3.31 11.23
N ALA A 68 7.29 -4.42 11.60
CA ALA A 68 6.81 -4.56 12.97
C ALA A 68 6.49 -6.01 13.27
N ASP A 69 6.45 -6.33 14.56
CA ASP A 69 6.13 -7.67 14.96
C ASP A 69 4.73 -7.69 15.54
N HIS A 70 4.16 -8.89 15.64
CA HIS A 70 2.79 -9.03 16.11
C HIS A 70 2.68 -10.05 17.22
N GLY A 71 1.91 -9.71 18.26
CA GLY A 71 1.74 -10.62 19.37
C GLY A 71 0.99 -11.88 18.97
N VAL A 72 0.15 -11.79 17.94
CA VAL A 72 -0.64 -12.95 17.50
C VAL A 72 0.24 -14.08 16.94
N TRP A 73 1.53 -13.78 16.75
CA TRP A 73 2.47 -14.80 16.28
C TRP A 73 2.43 -15.97 17.28
N ASP A 74 2.20 -15.68 18.55
CA ASP A 74 2.16 -16.72 19.58
C ASP A 74 1.02 -17.72 19.45
N GLU A 75 0.04 -17.40 18.60
CA GLU A 75 -1.10 -18.28 18.39
C GLU A 75 -0.77 -19.35 17.33
N GLY A 76 0.48 -19.38 16.89
CA GLY A 76 0.89 -20.37 15.90
C GLY A 76 0.28 -20.20 14.53
N VAL A 77 0.10 -18.96 14.09
CA VAL A 77 -0.48 -18.68 12.78
C VAL A 77 0.59 -18.43 11.70
N ALA A 78 1.87 -18.55 12.08
CA ALA A 78 2.98 -18.34 11.14
C ALA A 78 4.11 -19.33 11.36
N VAL A 79 4.69 -19.84 10.28
CA VAL A 79 5.78 -20.81 10.39
C VAL A 79 7.18 -20.19 10.43
N SER A 80 7.29 -18.93 10.01
CA SER A 80 8.58 -18.24 10.04
C SER A 80 8.96 -17.85 11.46
N PRO A 81 10.23 -18.01 11.84
CA PRO A 81 10.68 -17.63 13.19
C PRO A 81 10.40 -16.13 13.36
N LYS A 82 10.00 -15.71 14.55
CA LYS A 82 9.68 -14.31 14.77
C LYS A 82 10.85 -13.37 14.51
N ILE A 83 12.06 -13.87 14.70
CA ILE A 83 13.26 -13.06 14.51
C ILE A 83 13.53 -12.69 13.05
N VAL A 84 12.87 -13.38 12.12
CA VAL A 84 13.06 -13.08 10.70
C VAL A 84 12.73 -11.61 10.44
N THR A 85 11.77 -11.05 11.19
CA THR A 85 11.41 -9.64 10.98
C THR A 85 12.65 -8.75 11.16
N ALA A 86 13.31 -8.90 12.29
CA ALA A 86 14.51 -8.12 12.62
C ALA A 86 15.68 -8.41 11.66
N ILE A 87 15.85 -9.68 11.32
CA ILE A 87 16.94 -10.07 10.43
C ILE A 87 16.71 -9.48 9.02
N GLN A 88 15.51 -9.65 8.49
CA GLN A 88 15.19 -9.14 7.17
C GLN A 88 15.24 -7.61 7.14
N ALA A 89 14.88 -6.97 8.25
CA ALA A 89 14.91 -5.52 8.28
C ALA A 89 16.36 -5.06 8.10
N ALA A 90 17.28 -5.77 8.75
CA ALA A 90 18.70 -5.47 8.62
C ALA A 90 19.16 -5.72 7.18
N ASN A 91 18.71 -6.83 6.60
CA ASN A 91 19.10 -7.13 5.21
C ASN A 91 18.64 -6.05 4.26
N MET A 92 17.54 -5.37 4.61
CA MET A 92 17.00 -4.29 3.80
C MET A 92 18.02 -3.16 3.65
N THR A 93 18.78 -2.91 4.71
CA THR A 93 19.78 -1.85 4.71
C THR A 93 21.01 -2.26 3.88
N ARG A 94 21.12 -3.55 3.56
CA ARG A 94 22.23 -4.07 2.77
C ARG A 94 21.91 -4.27 1.30
N GLY A 95 20.66 -4.05 0.92
CA GLY A 95 20.24 -4.18 -0.47
C GLY A 95 20.12 -5.60 -1.02
N THR A 96 20.02 -6.58 -0.14
CA THR A 96 19.94 -7.97 -0.57
C THR A 96 18.56 -8.60 -0.64
N THR A 97 17.54 -7.88 -0.20
CA THR A 97 16.18 -8.43 -0.21
C THR A 97 15.46 -8.27 -1.55
N GLY A 98 14.32 -8.94 -1.68
CA GLY A 98 13.52 -8.87 -2.88
C GLY A 98 13.16 -7.44 -3.28
N VAL A 99 12.63 -6.62 -2.37
CA VAL A 99 12.29 -5.25 -2.75
C VAL A 99 13.49 -4.41 -3.12
N CYS A 100 14.60 -4.65 -2.43
CA CYS A 100 15.81 -3.88 -2.73
C CYS A 100 16.29 -4.11 -4.16
N VAL A 101 16.27 -5.37 -4.58
CA VAL A 101 16.72 -5.72 -5.92
C VAL A 101 15.75 -5.17 -6.98
N LEU A 102 14.45 -5.30 -6.74
CA LEU A 102 13.47 -4.79 -7.70
C LEU A 102 13.42 -3.26 -7.69
N ALA A 103 13.60 -2.64 -6.52
CA ALA A 103 13.59 -1.17 -6.46
C ALA A 103 14.80 -0.64 -7.21
N ALA A 104 15.94 -1.31 -7.04
CA ALA A 104 17.17 -0.89 -7.74
C ALA A 104 16.94 -0.95 -9.24
N GLN A 105 16.23 -1.97 -9.69
CA GLN A 105 15.95 -2.13 -11.11
C GLN A 105 15.09 -0.96 -11.62
N ALA A 106 14.15 -0.49 -10.80
CA ALA A 106 13.26 0.61 -11.17
C ALA A 106 13.84 1.99 -10.85
N GLY A 107 15.04 2.03 -10.27
CA GLY A 107 15.65 3.31 -9.94
C GLY A 107 15.00 4.01 -8.74
N ALA A 108 14.44 3.23 -7.82
CA ALA A 108 13.78 3.76 -6.63
C ALA A 108 14.63 3.51 -5.39
N LYS A 109 14.47 4.33 -4.36
CA LYS A 109 15.21 4.13 -3.14
C LYS A 109 14.28 3.50 -2.11
N VAL A 110 14.81 2.60 -1.29
CA VAL A 110 14.01 1.94 -0.26
C VAL A 110 14.24 2.59 1.09
N HIS A 111 13.15 2.94 1.77
CA HIS A 111 13.26 3.51 3.11
C HIS A 111 12.73 2.44 4.05
N VAL A 112 13.58 1.98 4.95
CA VAL A 112 13.17 0.94 5.90
C VAL A 112 12.76 1.60 7.20
N ILE A 113 11.50 1.42 7.59
CA ILE A 113 11.01 2.05 8.79
C ILE A 113 10.55 1.06 9.85
N ASP A 114 11.16 1.16 11.02
CA ASP A 114 10.81 0.29 12.13
C ASP A 114 9.68 0.98 12.91
N VAL A 115 8.48 0.43 12.83
CA VAL A 115 7.35 0.99 13.58
C VAL A 115 6.97 0.10 14.77
N GLY A 116 7.72 -0.98 14.98
CA GLY A 116 7.42 -1.86 16.10
C GLY A 116 8.05 -3.24 16.09
N ILE A 117 9.32 -3.33 15.72
CA ILE A 117 10.02 -4.61 15.70
C ILE A 117 10.34 -5.01 17.13
N ASP A 118 10.16 -6.29 17.46
CA ASP A 118 10.41 -6.81 18.79
C ASP A 118 11.89 -7.27 18.86
N ALA A 119 12.78 -6.30 18.94
CA ALA A 119 14.20 -6.57 18.99
C ALA A 119 14.91 -5.25 19.26
N GLU A 120 16.21 -5.29 19.46
CA GLU A 120 16.96 -4.06 19.69
C GLU A 120 16.91 -3.21 18.42
N PRO A 121 17.07 -1.90 18.54
CA PRO A 121 17.06 -0.99 17.40
C PRO A 121 18.09 -1.44 16.37
N ILE A 122 17.77 -1.30 15.09
CA ILE A 122 18.69 -1.71 14.03
C ILE A 122 19.29 -0.47 13.39
N PRO A 123 20.62 -0.32 13.44
CA PRO A 123 21.26 0.86 12.84
C PRO A 123 20.92 0.97 11.36
N GLY A 124 20.71 2.17 10.87
CA GLY A 124 20.39 2.34 9.46
C GLY A 124 18.91 2.33 9.17
N VAL A 125 18.12 1.81 10.10
CA VAL A 125 16.67 1.76 9.92
C VAL A 125 16.03 3.00 10.57
N VAL A 126 15.05 3.60 9.89
CA VAL A 126 14.37 4.78 10.42
C VAL A 126 13.59 4.34 11.66
N ASN A 127 13.84 5.01 12.78
CA ASN A 127 13.19 4.62 14.01
C ASN A 127 11.89 5.38 14.33
N MET A 128 10.77 4.67 14.28
CA MET A 128 9.47 5.24 14.64
C MET A 128 8.71 4.18 15.43
N ARG A 129 9.44 3.35 16.18
CA ARG A 129 8.78 2.27 16.89
C ARG A 129 7.84 2.66 18.01
N VAL A 130 6.65 2.09 17.95
CA VAL A 130 5.64 2.37 18.95
C VAL A 130 5.93 1.52 20.18
N ALA A 131 6.26 0.25 19.95
CA ALA A 131 6.57 -0.69 21.03
C ALA A 131 7.25 -1.92 20.43
N ARG A 132 7.68 -2.84 21.28
CA ARG A 132 8.30 -4.06 20.80
C ARG A 132 7.20 -5.05 20.43
N GLY A 133 6.60 -4.84 19.26
CA GLY A 133 5.53 -5.70 18.80
C GLY A 133 4.20 -5.19 19.34
N CYS A 134 3.11 -5.41 18.60
CA CYS A 134 1.80 -4.97 19.06
C CYS A 134 1.14 -6.08 19.90
N GLY A 135 0.03 -5.75 20.54
CA GLY A 135 -0.66 -6.74 21.34
C GLY A 135 -1.22 -7.87 20.50
N ASN A 136 -1.39 -9.03 21.14
CA ASN A 136 -1.94 -10.24 20.52
C ASN A 136 -3.43 -9.98 20.28
N ILE A 137 -3.82 -9.76 19.03
CA ILE A 137 -5.23 -9.46 18.73
C ILE A 137 -6.24 -10.55 19.09
N ALA A 138 -5.76 -11.75 19.36
CA ALA A 138 -6.67 -12.85 19.70
C ALA A 138 -7.29 -12.69 21.08
N VAL A 139 -6.64 -11.92 21.95
CA VAL A 139 -7.16 -11.72 23.31
C VAL A 139 -7.42 -10.27 23.66
N GLY A 140 -7.14 -9.37 22.74
CA GLY A 140 -7.36 -7.97 23.01
C GLY A 140 -6.94 -7.14 21.84
N PRO A 141 -6.84 -5.81 22.01
CA PRO A 141 -6.44 -4.93 20.91
C PRO A 141 -4.95 -4.93 20.62
N ALA A 142 -4.62 -4.61 19.37
CA ALA A 142 -3.24 -4.52 18.92
C ALA A 142 -2.57 -3.31 19.57
N MET A 143 -3.32 -2.23 19.75
CA MET A 143 -2.79 -1.00 20.33
C MET A 143 -3.95 -0.10 20.76
N SER A 144 -3.63 1.05 21.35
CA SER A 144 -4.65 2.00 21.77
C SER A 144 -4.98 2.89 20.57
N ARG A 145 -6.15 3.53 20.60
CA ARG A 145 -6.52 4.40 19.50
C ARG A 145 -5.53 5.56 19.36
N LEU A 146 -5.02 6.06 20.48
CA LEU A 146 -4.08 7.17 20.45
C LEU A 146 -2.76 6.76 19.81
N GLN A 147 -2.33 5.52 20.04
CA GLN A 147 -1.09 5.04 19.43
C GLN A 147 -1.27 4.95 17.91
N ALA A 148 -2.46 4.53 17.48
CA ALA A 148 -2.72 4.41 16.06
C ALA A 148 -2.76 5.80 15.42
N GLU A 149 -3.47 6.73 16.04
CA GLU A 149 -3.55 8.08 15.52
C GLU A 149 -2.21 8.79 15.47
N ALA A 150 -1.37 8.58 16.48
CA ALA A 150 -0.06 9.21 16.53
C ALA A 150 0.86 8.68 15.43
N LEU A 151 0.82 7.37 15.18
CA LEU A 151 1.65 6.78 14.14
C LEU A 151 1.18 7.25 12.76
N LEU A 152 -0.13 7.30 12.57
CA LEU A 152 -0.69 7.76 11.30
C LEU A 152 -0.12 9.15 10.99
N LEU A 153 -0.19 10.03 11.97
CA LEU A 153 0.29 11.40 11.84
C LEU A 153 1.79 11.48 11.55
N GLU A 154 2.56 10.71 12.33
CA GLU A 154 4.01 10.66 12.20
C GLU A 154 4.45 10.19 10.79
N VAL A 155 3.90 9.05 10.35
CA VAL A 155 4.25 8.50 9.04
C VAL A 155 3.75 9.43 7.91
N SER A 156 2.57 10.01 8.09
CA SER A 156 1.98 10.94 7.12
C SER A 156 2.91 12.11 6.82
N ARG A 157 3.49 12.66 7.88
CA ARG A 157 4.38 13.80 7.78
C ARG A 157 5.70 13.43 7.12
N TYR A 158 6.23 12.27 7.50
CA TYR A 158 7.47 11.77 6.93
C TYR A 158 7.31 11.59 5.41
N THR A 159 6.19 11.01 5.02
CA THR A 159 5.89 10.76 3.62
C THR A 159 5.85 12.03 2.77
N CYS A 160 5.06 13.00 3.22
CA CYS A 160 4.91 14.25 2.48
C CYS A 160 6.21 15.07 2.56
N ASP A 161 7.01 14.87 3.61
CA ASP A 161 8.29 15.56 3.74
C ASP A 161 9.23 15.10 2.62
N LEU A 162 9.15 13.81 2.24
CA LEU A 162 9.98 13.29 1.16
C LEU A 162 9.64 14.00 -0.14
N ALA A 163 8.36 14.34 -0.30
CA ALA A 163 7.88 15.04 -1.48
C ALA A 163 8.68 16.33 -1.67
N GLN A 164 9.08 16.94 -0.57
CA GLN A 164 9.84 18.17 -0.60
C GLN A 164 11.23 17.95 -1.15
N ARG A 165 11.67 16.69 -1.21
CA ARG A 165 13.00 16.37 -1.71
C ARG A 165 12.98 15.78 -3.12
N GLY A 166 11.90 16.00 -3.86
CA GLY A 166 11.84 15.49 -5.22
C GLY A 166 11.07 14.21 -5.45
N VAL A 167 10.70 13.50 -4.40
CA VAL A 167 9.95 12.26 -4.62
C VAL A 167 8.56 12.60 -5.15
N THR A 168 8.15 11.93 -6.23
CA THR A 168 6.82 12.16 -6.79
C THR A 168 6.01 10.89 -6.90
N LEU A 169 6.62 9.74 -6.64
CA LEU A 169 5.92 8.45 -6.73
C LEU A 169 6.30 7.57 -5.55
N PHE A 170 5.30 7.13 -4.80
CA PHE A 170 5.58 6.28 -3.66
C PHE A 170 5.11 4.85 -3.89
N GLY A 171 5.73 3.95 -3.13
CA GLY A 171 5.38 2.54 -3.16
C GLY A 171 5.31 2.18 -1.69
N VAL A 172 4.34 1.35 -1.30
CA VAL A 172 4.22 0.96 0.10
C VAL A 172 4.54 -0.53 0.26
N GLY A 173 5.14 -0.88 1.40
CA GLY A 173 5.46 -2.26 1.65
C GLY A 173 5.55 -2.52 3.14
N GLU A 174 5.65 -3.79 3.52
CA GLU A 174 5.74 -4.17 4.92
C GLU A 174 6.63 -5.39 5.14
N LEU A 175 6.90 -5.66 6.41
CA LEU A 175 7.71 -6.78 6.84
C LEU A 175 7.28 -7.05 8.29
N GLY A 176 6.74 -8.23 8.54
CA GLY A 176 6.33 -8.58 9.88
C GLY A 176 5.75 -9.98 9.89
N MET A 177 6.40 -10.89 10.61
CA MET A 177 5.92 -12.26 10.66
C MET A 177 4.54 -12.29 11.31
N ALA A 178 3.64 -13.05 10.70
CA ALA A 178 2.26 -13.23 11.13
C ALA A 178 1.32 -12.12 10.69
N ASN A 179 1.79 -11.12 9.94
CA ASN A 179 0.88 -10.05 9.57
C ASN A 179 -0.27 -10.37 8.60
N THR A 180 -0.29 -11.54 8.00
CA THR A 180 -1.43 -11.83 7.11
C THR A 180 -2.66 -12.19 7.96
N THR A 181 -2.46 -12.40 9.26
CA THR A 181 -3.59 -12.71 10.13
C THR A 181 -4.36 -11.42 10.44
N PRO A 182 -3.69 -10.36 10.95
CA PRO A 182 -4.50 -9.16 11.19
C PRO A 182 -5.02 -8.61 9.85
N ALA A 183 -4.24 -8.75 8.78
CA ALA A 183 -4.67 -8.26 7.48
C ALA A 183 -5.99 -8.96 7.11
N ALA A 184 -6.07 -10.26 7.36
CA ALA A 184 -7.29 -10.99 7.05
C ALA A 184 -8.44 -10.52 7.93
N ALA A 185 -8.16 -10.26 9.21
CA ALA A 185 -9.20 -9.78 10.13
C ALA A 185 -9.80 -8.48 9.60
N MET A 186 -8.94 -7.53 9.22
CA MET A 186 -9.39 -6.25 8.69
C MET A 186 -10.22 -6.41 7.42
N VAL A 187 -9.76 -7.27 6.52
CA VAL A 187 -10.50 -7.47 5.29
C VAL A 187 -11.89 -8.02 5.60
N SER A 188 -11.96 -9.00 6.49
CA SER A 188 -13.24 -9.58 6.88
C SER A 188 -14.18 -8.51 7.43
N VAL A 189 -13.67 -7.68 8.34
CA VAL A 189 -14.46 -6.61 8.94
C VAL A 189 -14.92 -5.55 7.94
N PHE A 190 -14.02 -5.08 7.08
CA PHE A 190 -14.40 -4.06 6.12
C PHE A 190 -15.32 -4.52 5.00
N THR A 191 -15.15 -5.75 4.54
CA THR A 191 -15.97 -6.25 3.44
C THR A 191 -17.17 -7.06 3.88
N GLY A 192 -17.22 -7.41 5.17
CA GLY A 192 -18.32 -8.21 5.66
C GLY A 192 -18.23 -9.64 5.17
N SER A 193 -17.02 -10.10 4.85
CA SER A 193 -16.83 -11.47 4.40
C SER A 193 -16.46 -12.38 5.57
N ASP A 194 -16.89 -13.63 5.51
CA ASP A 194 -16.54 -14.56 6.56
C ASP A 194 -15.03 -14.84 6.53
N ALA A 195 -14.43 -15.03 7.70
CA ALA A 195 -12.99 -15.27 7.79
C ALA A 195 -12.48 -16.38 6.89
N LYS A 196 -13.25 -17.45 6.74
CA LYS A 196 -12.83 -18.57 5.90
C LYS A 196 -12.58 -18.14 4.46
N GLU A 197 -13.31 -17.14 4.00
CA GLU A 197 -13.14 -16.67 2.63
C GLU A 197 -11.92 -15.76 2.41
N VAL A 198 -11.38 -15.16 3.46
CA VAL A 198 -10.23 -14.28 3.29
C VAL A 198 -8.94 -14.68 3.97
N VAL A 199 -8.93 -15.83 4.65
CA VAL A 199 -7.72 -16.28 5.30
C VAL A 199 -6.89 -17.15 4.33
N GLY A 200 -5.64 -16.74 4.09
CA GLY A 200 -4.78 -17.50 3.19
C GLY A 200 -3.62 -18.22 3.86
N ILE A 201 -2.71 -18.78 3.06
CA ILE A 201 -1.57 -19.49 3.63
C ILE A 201 -0.38 -18.59 4.00
N GLY A 202 -0.52 -17.28 3.78
CA GLY A 202 0.57 -16.37 4.11
C GLY A 202 1.91 -16.85 3.59
N ALA A 203 2.92 -16.89 4.45
CA ALA A 203 4.24 -17.35 4.03
C ALA A 203 4.38 -18.86 4.25
N ASN A 204 3.81 -19.61 3.33
CA ASN A 204 3.84 -21.07 3.32
C ASN A 204 3.32 -21.78 4.57
N LEU A 205 2.19 -21.33 5.09
CA LEU A 205 1.61 -21.98 6.25
C LEU A 205 1.03 -23.33 5.75
N PRO A 206 1.30 -24.44 6.45
CA PRO A 206 0.80 -25.76 6.07
C PRO A 206 -0.72 -25.78 5.98
N PRO A 207 -1.26 -26.46 4.98
CA PRO A 207 -2.71 -26.53 4.80
C PRO A 207 -3.45 -27.10 6.02
N SER A 208 -2.74 -27.85 6.85
CA SER A 208 -3.34 -28.43 8.04
C SER A 208 -3.50 -27.43 9.17
N ARG A 209 -2.77 -26.32 9.10
CA ARG A 209 -2.83 -25.30 10.16
C ARG A 209 -3.73 -24.12 9.82
N ILE A 210 -4.39 -24.16 8.66
CA ILE A 210 -5.26 -23.07 8.26
C ILE A 210 -6.50 -22.91 9.17
N ASP A 211 -7.04 -24.04 9.63
CA ASP A 211 -8.23 -23.97 10.50
C ASP A 211 -7.95 -23.15 11.75
N ASN A 212 -6.77 -23.35 12.34
CA ASN A 212 -6.41 -22.59 13.52
C ASN A 212 -6.34 -21.09 13.19
N LYS A 213 -5.74 -20.77 12.05
CA LYS A 213 -5.63 -19.37 11.65
C LYS A 213 -7.04 -18.78 11.51
N VAL A 214 -7.97 -19.50 10.89
CA VAL A 214 -9.33 -18.97 10.73
C VAL A 214 -9.98 -18.71 12.09
N ASP A 215 -9.79 -19.64 13.03
CA ASP A 215 -10.37 -19.50 14.37
C ASP A 215 -9.79 -18.26 15.08
N VAL A 216 -8.49 -18.05 14.94
CA VAL A 216 -7.80 -16.91 15.53
C VAL A 216 -8.39 -15.60 15.01
N VAL A 217 -8.63 -15.51 13.71
CA VAL A 217 -9.20 -14.30 13.12
C VAL A 217 -10.60 -14.06 13.69
N ARG A 218 -11.41 -15.12 13.78
CA ARG A 218 -12.76 -14.96 14.33
C ARG A 218 -12.75 -14.51 15.78
N ARG A 219 -11.85 -15.09 16.58
CA ARG A 219 -11.74 -14.71 17.98
C ARG A 219 -11.36 -13.25 18.09
N ALA A 220 -10.40 -12.83 17.27
CA ALA A 220 -9.96 -11.44 17.28
C ALA A 220 -11.12 -10.49 17.06
N ILE A 221 -11.99 -10.82 16.11
CA ILE A 221 -13.13 -9.96 15.84
C ILE A 221 -14.16 -9.98 16.95
N ALA A 222 -14.54 -11.17 17.40
CA ALA A 222 -15.52 -11.33 18.48
C ALA A 222 -15.10 -10.60 19.74
N ILE A 223 -13.85 -10.77 20.14
CA ILE A 223 -13.34 -10.16 21.36
C ILE A 223 -13.17 -8.65 21.28
N ASN A 224 -12.73 -8.14 20.13
CA ASN A 224 -12.53 -6.70 20.01
C ASN A 224 -13.71 -5.91 19.50
N GLN A 225 -14.60 -6.56 18.76
CA GLN A 225 -15.77 -5.88 18.22
C GLN A 225 -15.39 -4.57 17.53
N PRO A 226 -14.54 -4.66 16.50
CA PRO A 226 -14.15 -3.43 15.81
C PRO A 226 -15.33 -2.87 14.99
N ASN A 227 -15.45 -1.54 14.96
CA ASN A 227 -16.51 -0.86 14.23
C ASN A 227 -16.06 -0.62 12.78
N PRO A 228 -16.69 -1.31 11.81
CA PRO A 228 -16.41 -1.27 10.37
C PRO A 228 -16.49 0.14 9.77
N ARG A 229 -17.24 1.02 10.40
CA ARG A 229 -17.39 2.37 9.89
C ARG A 229 -16.33 3.31 10.44
N ASP A 230 -15.44 2.80 11.27
CA ASP A 230 -14.37 3.61 11.86
C ASP A 230 -13.05 2.93 11.50
N GLY A 231 -12.44 3.35 10.41
CA GLY A 231 -11.17 2.76 9.98
C GLY A 231 -10.09 2.73 11.03
N ILE A 232 -10.02 3.77 11.87
CA ILE A 232 -9.00 3.83 12.91
C ILE A 232 -9.32 2.82 14.03
N ASP A 233 -10.60 2.64 14.32
CA ASP A 233 -11.00 1.67 15.37
C ASP A 233 -10.54 0.28 14.92
N VAL A 234 -10.79 -0.04 13.66
CA VAL A 234 -10.40 -1.34 13.13
C VAL A 234 -8.88 -1.52 13.18
N LEU A 235 -8.13 -0.53 12.68
CA LEU A 235 -6.67 -0.64 12.70
C LEU A 235 -6.09 -0.86 14.09
N SER A 236 -6.57 -0.10 15.07
CA SER A 236 -6.04 -0.21 16.43
C SER A 236 -6.46 -1.50 17.13
N LYS A 237 -7.62 -2.05 16.78
CA LYS A 237 -8.09 -3.25 17.44
C LYS A 237 -7.57 -4.54 16.84
N VAL A 238 -7.75 -4.73 15.54
CA VAL A 238 -7.31 -5.96 14.91
C VAL A 238 -6.25 -5.79 13.82
N GLY A 239 -5.57 -4.64 13.81
CA GLY A 239 -4.52 -4.42 12.83
C GLY A 239 -3.14 -4.61 13.47
N GLY A 240 -2.17 -3.81 13.06
CA GLY A 240 -0.82 -3.89 13.61
C GLY A 240 -0.10 -2.59 13.27
N PHE A 241 1.07 -2.37 13.86
CA PHE A 241 1.86 -1.15 13.61
C PHE A 241 2.24 -1.02 12.14
N ASP A 242 2.64 -2.13 11.52
CA ASP A 242 3.02 -2.09 10.11
C ASP A 242 1.83 -1.69 9.24
N LEU A 243 0.66 -2.27 9.50
CA LEU A 243 -0.55 -1.95 8.75
C LEU A 243 -0.93 -0.48 8.94
N VAL A 244 -0.80 0.00 10.18
CA VAL A 244 -1.10 1.40 10.46
C VAL A 244 -0.13 2.26 9.65
N GLY A 245 1.16 1.92 9.70
CA GLY A 245 2.14 2.68 8.97
C GLY A 245 1.85 2.77 7.46
N MET A 246 1.43 1.65 6.85
CA MET A 246 1.13 1.67 5.42
C MET A 246 -0.05 2.61 5.16
N THR A 247 -1.04 2.57 6.04
CA THR A 247 -2.19 3.45 5.91
C THR A 247 -1.68 4.90 5.98
N GLY A 248 -0.72 5.15 6.85
CA GLY A 248 -0.17 6.48 6.99
C GLY A 248 0.54 7.00 5.74
N VAL A 249 1.18 6.11 4.99
CA VAL A 249 1.87 6.53 3.77
C VAL A 249 0.82 6.99 2.75
N MET A 250 -0.26 6.24 2.68
CA MET A 250 -1.36 6.56 1.78
C MET A 250 -2.02 7.89 2.12
N LEU A 251 -2.17 8.20 3.41
CA LEU A 251 -2.79 9.47 3.80
C LEU A 251 -1.82 10.61 3.52
N GLY A 252 -0.55 10.36 3.77
CA GLY A 252 0.47 11.37 3.56
C GLY A 252 0.63 11.74 2.09
N ALA A 253 0.72 10.73 1.23
CA ALA A 253 0.87 11.01 -0.20
C ALA A 253 -0.37 11.71 -0.75
N ALA A 254 -1.55 11.28 -0.31
CA ALA A 254 -2.77 11.91 -0.80
C ALA A 254 -2.82 13.38 -0.37
N ARG A 255 -2.48 13.65 0.90
CA ARG A 255 -2.45 15.02 1.40
C ARG A 255 -1.45 15.84 0.56
N CYS A 256 -0.39 15.16 0.13
CA CYS A 256 0.67 15.74 -0.68
C CYS A 256 0.25 15.80 -2.15
N GLY A 257 -0.90 15.20 -2.44
CA GLY A 257 -1.41 15.17 -3.81
C GLY A 257 -0.56 14.35 -4.74
N LEU A 258 0.05 13.29 -4.23
CA LEU A 258 0.94 12.44 -5.03
C LEU A 258 0.45 11.00 -5.09
N PRO A 259 0.87 10.26 -6.14
CA PRO A 259 0.47 8.86 -6.33
C PRO A 259 1.19 7.86 -5.43
N VAL A 260 0.47 6.80 -5.05
CA VAL A 260 1.01 5.74 -4.23
C VAL A 260 0.66 4.41 -4.88
N LEU A 261 1.68 3.59 -5.10
CA LEU A 261 1.47 2.28 -5.66
C LEU A 261 1.25 1.27 -4.54
N LEU A 262 0.16 0.52 -4.59
CA LEU A 262 -0.10 -0.52 -3.58
C LEU A 262 0.82 -1.71 -3.89
N ASP A 263 0.90 -2.67 -2.97
CA ASP A 263 1.71 -3.86 -3.16
C ASP A 263 0.79 -5.07 -3.18
N GLY A 264 0.85 -5.92 -2.17
CA GLY A 264 -0.01 -7.09 -2.13
C GLY A 264 -1.14 -7.08 -1.10
N PHE A 265 -1.51 -8.26 -0.63
CA PHE A 265 -2.60 -8.42 0.34
C PHE A 265 -2.53 -7.53 1.57
N LEU A 266 -1.36 -7.39 2.18
CA LEU A 266 -1.26 -6.54 3.37
C LEU A 266 -1.61 -5.10 2.99
N SER A 267 -1.10 -4.64 1.84
CA SER A 267 -1.40 -3.29 1.41
C SER A 267 -2.89 -3.10 1.08
N TYR A 268 -3.56 -4.13 0.59
CA TYR A 268 -5.00 -3.97 0.29
C TYR A 268 -5.77 -3.71 1.59
N SER A 269 -5.41 -4.41 2.67
CA SER A 269 -6.13 -4.20 3.91
C SER A 269 -5.89 -2.78 4.40
N ALA A 270 -4.64 -2.30 4.27
CA ALA A 270 -4.32 -0.94 4.70
C ALA A 270 -5.05 0.08 3.80
N ALA A 271 -5.20 -0.23 2.52
CA ALA A 271 -5.91 0.70 1.64
C ALA A 271 -7.42 0.73 1.99
N LEU A 272 -7.98 -0.40 2.44
CA LEU A 272 -9.40 -0.41 2.81
C LEU A 272 -9.57 0.54 4.02
N ALA A 273 -8.64 0.46 4.98
CA ALA A 273 -8.69 1.32 6.15
C ALA A 273 -8.57 2.80 5.76
N ALA A 274 -7.59 3.10 4.92
CA ALA A 274 -7.38 4.47 4.48
C ALA A 274 -8.60 5.06 3.76
N CYS A 275 -9.22 4.28 2.89
CA CYS A 275 -10.39 4.77 2.17
C CYS A 275 -11.61 4.93 3.07
N GLN A 276 -11.64 4.17 4.16
CA GLN A 276 -12.74 4.25 5.10
C GLN A 276 -12.56 5.53 5.91
N ILE A 277 -11.31 5.81 6.29
CA ILE A 277 -10.96 6.99 7.06
C ILE A 277 -11.15 8.26 6.24
N ALA A 278 -10.75 8.21 4.98
CA ALA A 278 -10.87 9.37 4.11
C ALA A 278 -11.03 8.93 2.66
N PRO A 279 -12.27 8.95 2.14
CA PRO A 279 -12.55 8.54 0.75
C PRO A 279 -11.76 9.34 -0.27
N ALA A 280 -11.37 10.55 0.09
CA ALA A 280 -10.61 11.42 -0.81
C ALA A 280 -9.23 10.84 -1.13
N VAL A 281 -8.83 9.80 -0.41
CA VAL A 281 -7.53 9.19 -0.66
C VAL A 281 -7.54 8.30 -1.92
N ARG A 282 -8.70 7.72 -2.22
CA ARG A 282 -8.88 6.79 -3.35
C ARG A 282 -8.27 7.14 -4.71
N PRO A 283 -8.49 8.37 -5.21
CA PRO A 283 -7.91 8.72 -6.51
C PRO A 283 -6.38 8.74 -6.61
N TYR A 284 -5.69 8.69 -5.48
CA TYR A 284 -4.23 8.71 -5.47
C TYR A 284 -3.64 7.30 -5.45
N LEU A 285 -4.48 6.28 -5.20
CA LEU A 285 -4.02 4.90 -5.14
C LEU A 285 -3.91 4.24 -6.52
N ILE A 286 -2.81 3.54 -6.74
CA ILE A 286 -2.57 2.85 -8.00
C ILE A 286 -2.25 1.40 -7.66
N PRO A 287 -2.98 0.44 -8.25
CA PRO A 287 -2.67 -0.97 -7.95
C PRO A 287 -1.41 -1.42 -8.69
N SER A 288 -0.73 -2.46 -8.18
CA SER A 288 0.43 -2.94 -8.91
C SER A 288 0.12 -4.34 -9.38
N HIS A 289 0.15 -5.33 -8.48
CA HIS A 289 -0.10 -6.70 -8.88
C HIS A 289 -1.26 -7.37 -8.15
N PHE A 290 -1.58 -8.59 -8.59
CA PHE A 290 -2.66 -9.36 -8.01
C PHE A 290 -2.07 -10.44 -7.09
N SER A 291 -2.11 -10.19 -5.79
CA SER A 291 -1.56 -11.11 -4.80
C SER A 291 -2.13 -12.53 -4.85
N ALA A 292 -1.25 -13.51 -4.64
CA ALA A 292 -1.65 -14.91 -4.65
C ALA A 292 -2.39 -15.30 -3.37
N GLU A 293 -2.48 -14.36 -2.42
CA GLU A 293 -3.17 -14.63 -1.17
C GLU A 293 -4.65 -14.87 -1.48
N LYS A 294 -5.25 -15.84 -0.80
CA LYS A 294 -6.67 -16.19 -1.00
C LYS A 294 -7.69 -15.03 -0.96
N GLY A 295 -7.55 -14.13 0.00
CA GLY A 295 -8.50 -13.03 0.11
C GLY A 295 -8.28 -11.82 -0.78
N ALA A 296 -7.30 -11.90 -1.68
CA ALA A 296 -7.00 -10.79 -2.57
C ALA A 296 -8.18 -10.36 -3.45
N ARG A 297 -8.84 -11.33 -4.09
CA ARG A 297 -9.95 -11.00 -4.98
C ARG A 297 -11.05 -10.18 -4.30
N ILE A 298 -11.42 -10.58 -3.09
CA ILE A 298 -12.44 -9.89 -2.33
C ILE A 298 -11.98 -8.49 -1.93
N ALA A 299 -10.76 -8.38 -1.44
CA ALA A 299 -10.24 -7.08 -1.05
C ALA A 299 -10.22 -6.10 -2.25
N LEU A 300 -9.70 -6.55 -3.38
CA LEU A 300 -9.63 -5.73 -4.58
C LEU A 300 -11.01 -5.33 -5.11
N ALA A 301 -11.97 -6.25 -5.01
CA ALA A 301 -13.33 -5.95 -5.48
C ALA A 301 -13.92 -4.79 -4.67
N HIS A 302 -13.65 -4.77 -3.38
CA HIS A 302 -14.18 -3.71 -2.54
C HIS A 302 -13.47 -2.38 -2.71
N LEU A 303 -12.25 -2.41 -3.24
CA LEU A 303 -11.50 -1.18 -3.50
C LEU A 303 -11.80 -0.82 -4.94
N SER A 304 -12.49 -1.73 -5.62
CA SER A 304 -12.84 -1.55 -7.02
C SER A 304 -11.57 -1.29 -7.85
N MET A 305 -10.57 -2.15 -7.65
CA MET A 305 -9.29 -2.05 -8.35
C MET A 305 -8.97 -3.31 -9.14
N GLU A 306 -8.31 -3.11 -10.27
CA GLU A 306 -7.92 -4.22 -11.11
C GLU A 306 -6.42 -4.09 -11.34
N PRO A 307 -5.60 -4.93 -10.67
CA PRO A 307 -4.15 -4.87 -10.83
C PRO A 307 -3.67 -5.01 -12.27
N TYR A 308 -2.51 -4.46 -12.55
CA TYR A 308 -1.93 -4.52 -13.89
C TYR A 308 -1.15 -5.83 -14.08
N LEU A 309 -0.49 -6.26 -13.02
CA LEU A 309 0.36 -7.44 -13.06
C LEU A 309 -0.19 -8.70 -12.40
N HIS A 310 -0.14 -9.81 -13.13
CA HIS A 310 -0.58 -11.10 -12.59
C HIS A 310 0.67 -11.95 -12.51
N MET A 311 1.36 -11.87 -11.38
CA MET A 311 2.61 -12.58 -11.18
C MET A 311 2.56 -13.68 -10.12
N ALA A 312 1.39 -13.93 -9.54
CA ALA A 312 1.23 -14.91 -8.46
C ALA A 312 2.23 -14.63 -7.34
N MET A 313 2.61 -13.37 -7.16
CA MET A 313 3.56 -13.04 -6.11
C MET A 313 2.89 -12.96 -4.74
N ARG A 314 3.66 -13.27 -3.71
CA ARG A 314 3.17 -13.27 -2.34
C ARG A 314 4.34 -13.10 -1.36
N LEU A 315 5.30 -12.29 -1.74
CA LEU A 315 6.45 -12.03 -0.88
C LEU A 315 6.19 -10.87 0.06
N GLY A 316 5.61 -9.80 -0.48
CA GLY A 316 5.37 -8.62 0.33
C GLY A 316 6.60 -7.73 0.15
N GLU A 317 6.89 -6.90 1.16
CA GLU A 317 8.04 -5.99 1.18
C GLU A 317 7.89 -4.79 0.24
N GLY A 318 6.83 -4.77 -0.56
CA GLY A 318 6.66 -3.71 -1.51
C GLY A 318 7.31 -4.12 -2.82
N SER A 319 7.58 -5.42 -2.97
CA SER A 319 8.23 -5.92 -4.20
C SER A 319 7.34 -5.73 -5.43
N GLY A 320 6.03 -5.90 -5.27
CA GLY A 320 5.12 -5.72 -6.38
C GLY A 320 5.03 -4.26 -6.78
N ALA A 321 5.07 -3.38 -5.79
CA ALA A 321 5.00 -1.95 -6.07
C ALA A 321 6.20 -1.51 -6.91
N ALA A 322 7.38 -1.98 -6.55
CA ALA A 322 8.60 -1.63 -7.29
C ALA A 322 8.54 -2.17 -8.72
N LEU A 323 7.98 -3.37 -8.87
CA LEU A 323 7.87 -4.00 -10.17
C LEU A 323 6.95 -3.22 -11.11
N ALA A 324 5.98 -2.51 -10.55
CA ALA A 324 5.07 -1.74 -11.39
C ALA A 324 5.52 -0.30 -11.66
N MET A 325 6.58 0.16 -11.00
CA MET A 325 7.00 1.53 -11.25
C MET A 325 7.32 1.82 -12.73
N PRO A 326 7.90 0.84 -13.46
CA PRO A 326 8.22 1.05 -14.88
C PRO A 326 6.94 1.28 -15.70
N ILE A 327 5.83 0.74 -15.22
CA ILE A 327 4.55 0.89 -15.92
C ILE A 327 4.09 2.34 -15.80
N VAL A 328 4.25 2.91 -14.60
CA VAL A 328 3.89 4.30 -14.41
C VAL A 328 4.77 5.19 -15.29
N GLU A 329 6.07 4.95 -15.30
CA GLU A 329 6.95 5.75 -16.15
C GLU A 329 6.60 5.56 -17.63
N ALA A 330 6.11 4.38 -18.00
CA ALA A 330 5.74 4.12 -19.39
C ALA A 330 4.56 5.00 -19.82
N ALA A 331 3.58 5.19 -18.93
CA ALA A 331 2.42 6.02 -19.24
C ALA A 331 2.85 7.46 -19.43
N CYS A 332 3.88 7.86 -18.68
CA CYS A 332 4.39 9.22 -18.78
C CYS A 332 5.14 9.40 -20.09
N ALA A 333 5.93 8.39 -20.46
CA ALA A 333 6.71 8.42 -21.68
C ALA A 333 5.78 8.46 -22.89
N MET A 334 4.70 7.69 -22.83
CA MET A 334 3.72 7.67 -23.91
C MET A 334 3.20 9.08 -24.13
N PHE A 335 2.76 9.70 -23.03
CA PHE A 335 2.19 11.04 -23.03
C PHE A 335 3.09 12.13 -23.57
N HIS A 336 4.34 12.12 -23.13
CA HIS A 336 5.28 13.16 -23.54
C HIS A 336 6.09 12.93 -24.80
N ASN A 337 6.34 11.66 -25.15
CA ASN A 337 7.19 11.36 -26.28
C ASN A 337 6.57 10.92 -27.61
N MET A 338 5.30 10.50 -27.61
CA MET A 338 4.71 10.09 -28.87
C MET A 338 4.40 11.25 -29.78
N GLY A 339 4.40 10.99 -31.09
CA GLY A 339 4.09 12.02 -32.06
C GLY A 339 2.58 12.18 -32.14
N GLU A 340 2.13 13.11 -32.98
CA GLU A 340 0.70 13.39 -33.12
C GLU A 340 0.14 13.09 -34.51
N LEU A 341 -1.10 12.63 -34.54
CA LEU A 341 -1.78 12.28 -35.78
C LEU A 341 -1.79 13.43 -36.79
N ALA A 342 -2.15 14.61 -36.31
CA ALA A 342 -2.24 15.79 -37.18
C ALA A 342 -0.94 16.10 -37.90
N ALA A 343 0.19 15.87 -37.25
CA ALA A 343 1.51 16.15 -37.83
C ALA A 343 1.84 15.19 -38.98
N SER A 344 1.20 14.04 -39.01
CA SER A 344 1.44 13.07 -40.06
C SER A 344 0.29 13.08 -41.07
N ASN A 345 -0.60 14.05 -40.91
CA ASN A 345 -1.74 14.16 -41.81
C ASN A 345 -2.64 12.92 -41.79
N ILE A 346 -2.72 12.26 -40.65
CA ILE A 346 -3.56 11.07 -40.55
C ILE A 346 -4.90 11.42 -39.93
N VAL A 347 -5.97 10.98 -40.57
CA VAL A 347 -7.31 11.24 -40.09
C VAL A 347 -8.06 9.93 -39.90
N LEU A 348 -8.54 9.68 -38.69
CA LEU A 348 -9.27 8.46 -38.39
C LEU A 348 -10.69 8.84 -37.97
N PRO A 349 -11.71 8.12 -38.46
CA PRO A 349 -13.11 8.39 -38.12
C PRO A 349 -13.41 8.35 -36.62
#